data_6F4C
#
_entry.id   6F4C
#
_cell.length_a   74.037
_cell.length_b   74.037
_cell.length_c   133.307
_cell.angle_alpha   90.00
_cell.angle_beta   90.00
_cell.angle_gamma   90.00
#
_symmetry.space_group_name_H-M   'P 41 21 2'
#
loop_
_entity.id
_entity.type
_entity.pdbx_description
1 polymer alpha-galactosidase
2 water water
#
_entity_poly.entity_id   1
_entity_poly.type   'polypeptide(L)'
_entity_poly.pdbx_seq_one_letter_code
;LSNGLGRTPQMGWSSWNHFACNIEEKEIRETADAMVSTGLASLGYEYINIDDCWAELNRDSQGNMVPKGSTFPSGIKALA
DYVHSKGLKLGIYSDAGSQTCSKQMTGSLGHEEQDAKTFASWGVDYLKYDNCNNENRSPRERYPIMAKALKNSGRAIFYS
LCEWGDDDPATWASSVGNSWRTTGDISDNWDSMTSRADMNDEWASYAGPGGWNDPDMLEVGNGGMTTAEYRSHFSIWALA
KAPLIIGCDLRSMDQTAHEILSNKEVIAVNQDKLGVQGKKVKQNGDLEVWAGPLSGKRVALVLWNRSSSKADITAYWSDI
GLDSSTVVDARDLWAHSTKGSVKGQISASIDSHDCRMYVLTPK
;
_entity_poly.pdbx_strand_id   B
#
# COMPACT_ATOMS: atom_id res chain seq x y z
N LEU A 1 0.00 14.45 -5.07
CA LEU A 1 0.07 15.77 -4.38
C LEU A 1 1.54 16.07 -4.13
N SER A 2 2.03 17.17 -4.69
CA SER A 2 3.42 17.59 -4.46
C SER A 2 3.44 18.30 -3.09
N ASN A 3 3.68 17.48 -2.08
CA ASN A 3 3.96 17.91 -0.72
C ASN A 3 5.30 17.32 -0.32
N GLY A 4 6.11 16.94 -1.30
CA GLY A 4 7.37 16.25 -1.07
C GLY A 4 7.36 14.79 -0.64
N LEU A 5 6.17 14.21 -0.49
CA LEU A 5 5.99 12.86 0.07
C LEU A 5 5.46 11.98 -1.02
N GLY A 6 5.63 10.67 -0.83
CA GLY A 6 5.17 9.67 -1.77
C GLY A 6 5.69 9.77 -3.20
N ARG A 7 6.98 10.09 -3.33
CA ARG A 7 7.65 10.12 -4.64
C ARG A 7 7.86 8.70 -5.15
N THR A 8 7.94 7.76 -4.19
CA THR A 8 7.66 6.35 -4.42
C THR A 8 6.48 5.97 -3.51
N PRO A 9 5.79 4.84 -3.80
CA PRO A 9 4.70 4.36 -2.91
C PRO A 9 5.10 4.14 -1.47
N GLN A 10 4.24 4.53 -0.56
CA GLN A 10 4.50 4.34 0.87
C GLN A 10 4.73 2.89 1.24
N MET A 11 5.68 2.71 2.14
CA MET A 11 5.98 1.42 2.75
C MET A 11 5.79 1.58 4.25
N GLY A 12 5.03 0.67 4.83
CA GLY A 12 4.82 0.68 6.27
C GLY A 12 3.92 -0.45 6.69
N TRP A 13 3.14 -0.19 7.74
CA TRP A 13 2.21 -1.15 8.31
C TRP A 13 0.97 -0.41 8.85
N SER A 14 -0.17 -1.07 8.81
CA SER A 14 -1.39 -0.57 9.42
C SER A 14 -1.99 -1.63 10.31
N SER A 15 -2.61 -1.15 11.37
CA SER A 15 -3.27 -1.99 12.34
C SER A 15 -4.48 -2.73 11.83
N TRP A 16 -5.17 -2.18 10.83
CA TRP A 16 -6.51 -2.62 10.44
C TRP A 16 -6.66 -4.06 10.03
N ASN A 17 -5.88 -4.52 9.05
CA ASN A 17 -6.05 -5.88 8.50
C ASN A 17 -5.98 -6.99 9.55
N HIS A 18 -5.12 -6.87 10.57
CA HIS A 18 -4.93 -7.96 11.57
C HIS A 18 -5.67 -7.77 12.88
N PHE A 19 -5.73 -6.54 13.35
CA PHE A 19 -6.30 -6.23 14.65
C PHE A 19 -7.72 -5.68 14.57
N ALA A 20 -8.09 -5.19 13.39
CA ALA A 20 -9.31 -4.44 13.21
C ALA A 20 -9.49 -3.36 14.32
N CYS A 21 -10.59 -3.40 15.08
CA CYS A 21 -10.91 -2.35 16.07
C CYS A 21 -10.27 -2.57 17.47
N ASN A 22 -9.60 -3.71 17.67
CA ASN A 22 -8.99 -4.11 18.98
C ASN A 22 -7.51 -3.71 18.98
N ILE A 23 -7.26 -2.59 19.67
CA ILE A 23 -6.12 -1.73 19.45
C ILE A 23 -5.73 -0.91 20.73
N GLU A 24 -4.45 -0.71 20.94
CA GLU A 24 -3.98 0.06 22.10
C GLU A 24 -2.54 0.46 21.91
N GLU A 25 -2.11 1.52 22.56
CA GLU A 25 -0.79 2.08 22.31
C GLU A 25 0.36 1.10 22.50
N LYS A 26 0.24 0.25 23.52
CA LYS A 26 1.22 -0.80 23.84
C LYS A 26 1.51 -1.68 22.64
N GLU A 27 0.44 -2.11 21.98
CA GLU A 27 0.56 -2.89 20.75
C GLU A 27 1.19 -2.04 19.62
N ILE A 28 0.80 -0.76 19.50
CA ILE A 28 1.43 0.12 18.52
C ILE A 28 2.95 0.25 18.73
N ARG A 29 3.38 0.43 19.98
CA ARG A 29 4.79 0.60 20.27
C ARG A 29 5.61 -0.66 19.97
N GLU A 30 5.16 -1.79 20.54
CA GLU A 30 5.76 -3.10 20.24
C GLU A 30 5.80 -3.43 18.75
N THR A 31 4.80 -2.96 18.00
CA THR A 31 4.79 -3.15 16.55
C THR A 31 5.96 -2.43 15.92
N ALA A 32 6.15 -1.18 16.30
CA ALA A 32 7.27 -0.36 15.78
C ALA A 32 8.62 -0.93 16.15
N ASP A 33 8.69 -1.45 17.37
CA ASP A 33 9.87 -2.14 17.83
C ASP A 33 10.22 -3.31 16.98
N ALA A 34 9.20 -4.05 16.55
CA ALA A 34 9.38 -5.20 15.66
C ALA A 34 9.75 -4.75 14.26
N MET A 35 9.19 -3.64 13.79
CA MET A 35 9.57 -3.12 12.48
C MET A 35 11.07 -2.89 12.38
N VAL A 36 11.70 -2.44 13.48
CA VAL A 36 13.16 -2.33 13.57
C VAL A 36 13.79 -3.74 13.78
N SER A 37 13.29 -4.47 14.82
CA SER A 37 13.86 -5.75 15.30
C SER A 37 14.06 -6.75 14.19
N THR A 38 13.07 -6.79 13.31
CA THR A 38 13.01 -7.74 12.20
C THR A 38 13.53 -7.17 10.88
N GLY A 39 14.30 -6.09 10.92
CA GLY A 39 14.96 -5.58 9.73
C GLY A 39 14.08 -4.89 8.70
N LEU A 40 12.77 -4.85 8.92
CA LEU A 40 11.87 -4.28 7.93
C LEU A 40 12.09 -2.80 7.71
N ALA A 41 12.45 -2.06 8.78
CA ALA A 41 12.71 -0.61 8.68
C ALA A 41 13.90 -0.29 7.74
N SER A 42 14.95 -1.09 7.79
CA SER A 42 16.12 -0.89 6.94
C SER A 42 15.92 -1.24 5.45
N LEU A 43 14.81 -1.90 5.11
CA LEU A 43 14.46 -2.19 3.71
C LEU A 43 13.56 -1.13 3.09
N GLY A 44 13.07 -0.22 3.94
CA GLY A 44 12.27 0.94 3.50
C GLY A 44 10.96 1.16 4.25
N TYR A 45 10.46 0.15 4.98
CA TYR A 45 9.17 0.27 5.66
C TYR A 45 9.30 1.30 6.81
N GLU A 46 8.62 2.43 6.70
CA GLU A 46 8.74 3.51 7.70
C GLU A 46 7.44 3.87 8.44
N TYR A 47 6.26 3.67 7.84
CA TYR A 47 4.99 4.16 8.41
C TYR A 47 4.28 3.15 9.36
N ILE A 48 4.07 3.58 10.60
CA ILE A 48 3.31 2.85 11.60
C ILE A 48 1.94 3.48 11.66
N ASN A 49 0.97 2.86 10.96
CA ASN A 49 -0.37 3.48 10.77
C ASN A 49 -1.39 2.88 11.70
N ILE A 50 -2.04 3.75 12.45
CA ILE A 50 -3.09 3.42 13.40
C ILE A 50 -4.36 3.64 12.62
N ASP A 51 -5.22 2.64 12.60
CA ASP A 51 -6.38 2.70 11.75
C ASP A 51 -7.55 3.12 12.61
N ASP A 52 -8.72 2.49 12.45
CA ASP A 52 -9.92 2.91 13.17
C ASP A 52 -9.81 2.54 14.64
N CYS A 53 -10.57 3.27 15.45
CA CYS A 53 -10.89 3.01 16.86
C CYS A 53 -9.87 3.54 17.85
N TRP A 54 -9.01 4.43 17.42
CA TRP A 54 -8.02 4.99 18.32
C TRP A 54 -8.56 6.13 19.24
N ALA A 55 -9.69 6.76 18.85
CA ALA A 55 -10.21 7.95 19.56
C ALA A 55 -11.58 7.71 20.18
N GLU A 56 -12.05 8.71 20.91
CA GLU A 56 -13.39 8.75 21.53
C GLU A 56 -14.49 9.24 20.57
N LEU A 57 -15.72 8.78 20.84
CA LEU A 57 -16.94 9.22 20.14
C LEU A 57 -17.12 10.73 20.25
N ASN A 58 -16.87 11.27 21.45
CA ASN A 58 -16.98 12.70 21.69
C ASN A 58 -15.63 13.40 21.66
N ARG A 59 -15.68 14.71 21.41
CA ARG A 59 -14.53 15.62 21.40
C ARG A 59 -14.39 16.32 22.75
N ASP A 60 -13.24 16.88 23.00
CA ASP A 60 -13.01 17.55 24.21
C ASP A 60 -13.66 18.88 24.21
N SER A 61 -13.54 19.59 25.31
CA SER A 61 -14.18 20.87 25.47
C SER A 61 -13.81 21.93 24.47
N GLN A 62 -12.61 21.90 23.93
CA GLN A 62 -12.21 22.82 22.94
C GLN A 62 -12.42 22.36 21.46
N GLY A 63 -13.14 21.26 21.24
CA GLY A 63 -13.49 20.81 19.92
C GLY A 63 -12.52 19.90 19.25
N ASN A 64 -11.60 19.43 20.02
CA ASN A 64 -10.52 18.60 19.46
C ASN A 64 -10.81 17.10 19.60
N MET A 65 -10.21 16.33 18.70
CA MET A 65 -10.30 14.88 18.78
C MET A 65 -9.48 14.41 19.99
N VAL A 66 -10.12 13.60 20.84
CA VAL A 66 -9.50 13.06 22.07
C VAL A 66 -9.05 11.62 21.81
N PRO A 67 -7.76 11.31 22.07
CA PRO A 67 -7.37 9.90 21.99
C PRO A 67 -8.02 9.07 23.12
N LYS A 68 -8.36 7.83 22.80
CA LYS A 68 -9.16 7.01 23.69
C LYS A 68 -8.40 6.82 24.99
N GLY A 69 -8.99 7.31 26.07
CA GLY A 69 -8.31 7.39 27.37
C GLY A 69 -7.94 6.05 27.96
N SER A 70 -8.71 5.02 27.58
CA SER A 70 -8.51 3.67 28.06
C SER A 70 -7.46 2.87 27.30
N THR A 71 -7.34 3.07 25.99
CA THR A 71 -6.36 2.34 25.18
C THR A 71 -5.14 3.16 24.76
N PHE A 72 -5.24 4.49 24.75
CA PHE A 72 -4.10 5.36 24.43
C PHE A 72 -3.84 6.39 25.55
N PRO A 73 -3.61 5.91 26.78
CA PRO A 73 -3.50 6.90 27.88
C PRO A 73 -2.34 7.91 27.79
N SER A 74 -1.27 7.56 27.06
CA SER A 74 -0.11 8.46 26.89
C SER A 74 -0.32 9.51 25.81
N GLY A 75 -1.39 9.41 25.04
CA GLY A 75 -1.66 10.40 24.02
C GLY A 75 -0.92 10.03 22.76
N ILE A 76 -1.18 10.83 21.72
CA ILE A 76 -0.69 10.52 20.37
C ILE A 76 0.66 11.18 20.08
N LYS A 77 0.93 12.31 20.72
CA LYS A 77 2.28 12.87 20.62
C LYS A 77 3.32 11.89 21.17
N ALA A 78 2.99 11.26 22.29
CA ALA A 78 3.92 10.38 22.97
C ALA A 78 4.29 9.26 22.06
N LEU A 79 3.28 8.81 21.34
CA LEU A 79 3.45 7.68 20.48
C LEU A 79 4.23 8.05 19.20
N ALA A 80 3.92 9.20 18.61
CA ALA A 80 4.69 9.73 17.46
C ALA A 80 6.15 9.95 17.83
N ASP A 81 6.36 10.55 19.00
CA ASP A 81 7.71 10.73 19.52
C ASP A 81 8.52 9.44 19.65
N TYR A 82 7.85 8.38 20.11
CA TYR A 82 8.49 7.09 20.24
C TYR A 82 8.87 6.51 18.89
N VAL A 83 7.95 6.66 17.94
CA VAL A 83 8.09 6.11 16.59
C VAL A 83 9.17 6.88 15.84
N HIS A 84 9.15 8.21 15.96
CA HIS A 84 10.26 9.05 15.41
C HIS A 84 11.63 8.64 15.95
N SER A 85 11.72 8.40 17.26
CA SER A 85 13.00 8.02 17.89
C SER A 85 13.53 6.66 17.39
N LYS A 86 12.67 5.89 16.76
CA LYS A 86 13.03 4.62 16.14
C LYS A 86 13.27 4.79 14.63
N GLY A 87 13.39 6.03 14.18
CA GLY A 87 13.61 6.33 12.75
C GLY A 87 12.39 6.14 11.87
N LEU A 88 11.20 6.06 12.46
CA LEU A 88 9.96 5.68 11.75
C LEU A 88 9.00 6.86 11.70
N LYS A 89 7.85 6.68 11.07
CA LYS A 89 6.82 7.71 11.02
C LYS A 89 5.48 7.13 11.46
N LEU A 90 4.63 7.97 12.06
CA LEU A 90 3.31 7.56 12.61
C LEU A 90 2.16 8.04 11.73
N GLY A 91 1.22 7.15 11.44
CA GLY A 91 -0.02 7.48 10.77
C GLY A 91 -1.21 7.35 11.71
N ILE A 92 -2.27 8.10 11.39
CA ILE A 92 -3.57 7.94 12.06
C ILE A 92 -4.63 7.93 10.99
N TYR A 93 -5.85 7.70 11.46
CA TYR A 93 -7.03 7.56 10.64
C TYR A 93 -8.13 8.49 11.15
N SER A 94 -8.92 9.00 10.21
CA SER A 94 -10.17 9.65 10.51
C SER A 94 -11.04 9.44 9.29
N ASP A 95 -12.14 10.17 9.22
CA ASP A 95 -13.18 9.94 8.26
C ASP A 95 -13.59 11.29 7.68
N ALA A 96 -13.87 11.33 6.38
CA ALA A 96 -14.54 12.49 5.77
C ALA A 96 -16.03 12.42 6.09
N GLY A 97 -16.35 12.52 7.40
CA GLY A 97 -17.69 12.22 7.94
C GLY A 97 -17.85 12.55 9.42
N SER A 98 -19.04 12.29 9.96
CA SER A 98 -19.43 12.67 11.32
C SER A 98 -18.94 11.62 12.31
N GLN A 99 -18.81 10.38 11.84
CA GLN A 99 -18.14 9.31 12.57
C GLN A 99 -17.31 8.46 11.61
N THR A 100 -16.43 7.61 12.15
CA THR A 100 -15.68 6.66 11.34
C THR A 100 -16.58 5.49 10.91
N CYS A 101 -16.07 4.62 10.04
CA CYS A 101 -16.90 3.51 9.54
C CYS A 101 -17.38 2.54 10.64
N SER A 102 -16.57 2.34 11.69
CA SER A 102 -16.95 1.44 12.81
C SER A 102 -18.00 2.05 13.76
N LYS A 103 -18.20 3.35 13.62
CA LYS A 103 -19.03 4.18 14.50
C LYS A 103 -18.57 4.18 15.96
N GLN A 104 -17.26 4.02 16.17
CA GLN A 104 -16.68 3.95 17.51
C GLN A 104 -15.93 5.24 17.90
N MET A 105 -15.75 6.14 16.93
CA MET A 105 -15.09 7.42 17.19
C MET A 105 -15.59 8.44 16.19
N THR A 106 -15.49 9.71 16.58
CA THR A 106 -15.90 10.81 15.72
C THR A 106 -15.02 10.91 14.47
N GLY A 107 -15.54 11.66 13.51
CA GLY A 107 -14.85 11.95 12.28
C GLY A 107 -14.48 13.41 12.30
N SER A 108 -14.08 13.90 11.13
CA SER A 108 -13.52 15.24 10.94
C SER A 108 -14.34 16.13 9.99
N LEU A 109 -15.55 15.71 9.61
CA LEU A 109 -16.42 16.56 8.76
C LEU A 109 -16.78 17.83 9.53
N GLY A 110 -16.50 18.99 8.92
CA GLY A 110 -16.63 20.30 9.56
C GLY A 110 -15.62 20.70 10.65
N HIS A 111 -14.57 19.88 10.83
CA HIS A 111 -13.53 20.14 11.81
C HIS A 111 -12.16 19.85 11.17
N GLU A 112 -12.06 20.06 9.87
CA GLU A 112 -10.92 19.58 9.07
C GLU A 112 -9.59 20.29 9.43
N GLU A 113 -9.64 21.63 9.51
CA GLU A 113 -8.45 22.43 9.84
C GLU A 113 -8.04 22.29 11.27
N GLN A 114 -9.01 22.26 12.15
CA GLN A 114 -8.71 22.03 13.54
C GLN A 114 -8.07 20.65 13.77
N ASP A 115 -8.55 19.63 13.09
CA ASP A 115 -7.98 18.27 13.20
C ASP A 115 -6.59 18.13 12.52
N ALA A 116 -6.37 18.88 11.44
CA ALA A 116 -5.06 18.89 10.76
C ALA A 116 -3.94 19.55 11.60
N LYS A 117 -4.34 20.62 12.32
CA LYS A 117 -3.46 21.38 13.24
C LYS A 117 -3.13 20.63 14.50
N THR A 118 -4.11 19.88 15.00
CA THR A 118 -3.92 18.99 16.14
C THR A 118 -2.92 17.90 15.75
N PHE A 119 -3.23 17.25 14.62
CA PHE A 119 -2.40 16.19 14.07
C PHE A 119 -0.96 16.63 13.92
N ALA A 120 -0.78 17.79 13.31
CA ALA A 120 0.51 18.41 13.10
C ALA A 120 1.23 18.58 14.44
N SER A 121 0.55 19.20 15.41
CA SER A 121 1.12 19.40 16.75
C SER A 121 1.49 18.10 17.49
N TRP A 122 0.79 17.00 17.17
CA TRP A 122 1.17 15.69 17.68
C TRP A 122 2.35 15.02 16.96
N GLY A 123 2.85 15.59 15.86
CA GLY A 123 3.90 14.94 15.07
C GLY A 123 3.44 13.78 14.18
N VAL A 124 2.14 13.75 13.86
CA VAL A 124 1.57 12.82 12.88
C VAL A 124 2.21 13.02 11.49
N ASP A 125 2.50 11.92 10.81
CA ASP A 125 3.18 11.96 9.53
C ASP A 125 2.31 11.49 8.36
N TYR A 126 1.21 10.82 8.65
CA TYR A 126 0.35 10.19 7.64
C TYR A 126 -1.08 10.22 8.16
N LEU A 127 -2.04 10.40 7.25
CA LEU A 127 -3.47 10.34 7.57
C LEU A 127 -4.21 9.47 6.54
N LYS A 128 -4.90 8.42 7.00
CA LYS A 128 -5.86 7.67 6.17
C LYS A 128 -7.24 8.31 6.40
N TYR A 129 -7.90 8.77 5.34
CA TYR A 129 -9.17 9.52 5.48
C TYR A 129 -10.35 8.73 4.86
N ASP A 130 -11.09 8.02 5.71
CA ASP A 130 -12.18 7.12 5.29
C ASP A 130 -13.43 7.88 4.85
N ASN A 131 -14.39 7.17 4.26
CA ASN A 131 -15.53 7.78 3.56
C ASN A 131 -16.90 7.33 4.08
N CYS A 132 -17.03 7.04 5.37
CA CYS A 132 -18.33 6.71 5.92
C CYS A 132 -19.06 7.90 6.47
N ASN A 133 -20.37 7.77 6.58
CA ASN A 133 -21.23 8.72 7.28
C ASN A 133 -20.95 10.10 6.72
N ASN A 134 -21.07 10.19 5.40
CA ASN A 134 -20.59 11.39 4.65
C ASN A 134 -21.71 12.38 4.30
N GLU A 135 -22.89 12.16 4.89
CA GLU A 135 -24.05 13.05 4.72
C GLU A 135 -24.28 13.38 3.25
N ASN A 136 -24.12 12.34 2.40
CA ASN A 136 -24.40 12.40 0.95
C ASN A 136 -23.74 13.59 0.22
N ARG A 137 -22.46 13.82 0.52
CA ARG A 137 -21.70 14.83 -0.16
C ARG A 137 -20.60 14.20 -1.00
N SER A 138 -20.24 14.87 -2.09
CA SER A 138 -19.23 14.36 -3.03
C SER A 138 -17.87 14.10 -2.36
N PRO A 139 -17.15 13.06 -2.82
CA PRO A 139 -15.75 12.97 -2.44
C PRO A 139 -14.88 14.08 -3.06
N ARG A 140 -15.27 14.60 -4.23
CA ARG A 140 -14.57 15.73 -4.87
C ARG A 140 -14.65 17.00 -4.07
N GLU A 141 -15.67 17.11 -3.21
CA GLU A 141 -15.87 18.26 -2.34
C GLU A 141 -15.20 18.09 -0.98
N ARG A 142 -15.47 16.99 -0.29
CA ARG A 142 -14.93 16.76 1.07
C ARG A 142 -13.42 16.51 1.15
N TYR A 143 -12.87 15.83 0.14
CA TYR A 143 -11.48 15.39 0.21
C TYR A 143 -10.45 16.54 0.06
N PRO A 144 -10.70 17.49 -0.89
CA PRO A 144 -9.89 18.70 -0.96
C PRO A 144 -9.87 19.58 0.31
N ILE A 145 -10.99 19.65 1.03
CA ILE A 145 -11.07 20.44 2.27
C ILE A 145 -9.99 19.98 3.26
N MET A 146 -9.81 18.67 3.36
CA MET A 146 -8.79 18.12 4.23
C MET A 146 -7.40 18.21 3.58
N ALA A 147 -7.27 18.06 2.25
CA ALA A 147 -5.95 18.21 1.58
C ALA A 147 -5.41 19.57 1.93
N LYS A 148 -6.25 20.58 1.76
CA LYS A 148 -5.82 21.94 2.03
C LYS A 148 -5.61 22.21 3.55
N ALA A 149 -6.41 21.59 4.43
CA ALA A 149 -6.15 21.68 5.88
C ALA A 149 -4.80 21.13 6.26
N LEU A 150 -4.46 19.96 5.73
CA LEU A 150 -3.11 19.38 5.93
C LEU A 150 -1.99 20.30 5.43
N LYS A 151 -2.01 20.64 4.16
CA LYS A 151 -1.10 21.64 3.57
C LYS A 151 -0.83 22.85 4.47
N ASN A 152 -1.86 23.42 5.09
CA ASN A 152 -1.73 24.64 5.87
C ASN A 152 -1.44 24.39 7.36
N SER A 153 -1.37 23.13 7.79
CA SER A 153 -0.97 22.79 9.15
C SER A 153 0.53 22.98 9.36
N GLY A 154 1.02 22.67 10.55
CA GLY A 154 2.47 22.73 10.78
C GLY A 154 3.36 21.92 9.80
N ARG A 155 2.98 20.67 9.52
CA ARG A 155 3.93 19.73 8.94
C ARG A 155 3.43 18.99 7.72
N ALA A 156 4.38 18.34 7.05
CA ALA A 156 4.17 17.51 5.89
C ALA A 156 3.53 16.19 6.31
N ILE A 157 2.30 15.98 5.86
CA ILE A 157 1.49 14.80 6.26
C ILE A 157 0.98 14.10 5.01
N PHE A 158 1.37 12.84 4.88
CA PHE A 158 0.98 12.01 3.77
C PHE A 158 -0.54 11.84 3.80
N TYR A 159 -1.18 11.94 2.63
CA TYR A 159 -2.64 11.96 2.57
C TYR A 159 -3.17 10.81 1.72
N SER A 160 -3.84 9.90 2.40
CA SER A 160 -4.34 8.65 1.87
C SER A 160 -5.86 8.73 1.84
N LEU A 161 -6.40 8.93 0.65
CA LEU A 161 -7.84 8.95 0.45
C LEU A 161 -8.35 7.50 0.54
N CYS A 162 -9.43 7.29 1.30
CA CYS A 162 -10.03 6.00 1.50
C CYS A 162 -11.52 6.12 1.27
N GLU A 163 -11.87 5.93 0.02
CA GLU A 163 -13.10 6.39 -0.52
C GLU A 163 -13.49 5.33 -1.58
N TRP A 164 -12.91 4.13 -1.40
CA TRP A 164 -13.18 2.91 -2.17
C TRP A 164 -13.54 3.01 -3.67
N GLY A 165 -12.94 3.97 -4.39
CA GLY A 165 -13.06 4.05 -5.84
C GLY A 165 -14.34 4.71 -6.34
N ASP A 166 -15.08 5.30 -5.41
CA ASP A 166 -16.28 6.03 -5.74
C ASP A 166 -15.93 7.30 -6.52
N ASP A 167 -16.60 7.56 -7.63
CA ASP A 167 -16.35 8.75 -8.47
C ASP A 167 -14.95 8.72 -9.11
N ASP A 168 -14.44 7.51 -9.35
CA ASP A 168 -13.15 7.26 -10.00
C ASP A 168 -12.05 8.27 -9.58
N PRO A 169 -11.48 8.06 -8.39
CA PRO A 169 -10.52 8.94 -7.73
C PRO A 169 -9.33 9.33 -8.59
N ALA A 170 -8.74 8.34 -9.24
CA ALA A 170 -7.58 8.55 -10.10
C ALA A 170 -7.73 9.74 -11.03
N THR A 171 -8.93 9.96 -11.55
CA THR A 171 -9.17 11.07 -12.49
C THR A 171 -9.05 12.45 -11.89
N TRP A 172 -9.27 12.60 -10.57
CA TRP A 172 -9.22 13.93 -9.92
C TRP A 172 -8.32 14.06 -8.67
N ALA A 173 -7.73 12.95 -8.22
CA ALA A 173 -7.11 12.91 -6.89
C ALA A 173 -5.61 13.21 -6.87
N SER A 174 -4.97 13.16 -8.04
CA SER A 174 -3.54 13.45 -8.18
C SER A 174 -3.18 14.78 -7.49
N SER A 175 -3.93 15.84 -7.78
CA SER A 175 -3.71 17.16 -7.17
C SER A 175 -4.29 17.32 -5.77
N VAL A 176 -4.93 16.26 -5.23
CA VAL A 176 -5.61 16.26 -3.91
C VAL A 176 -4.83 15.53 -2.82
N GLY A 177 -4.35 14.32 -3.12
CA GLY A 177 -3.60 13.52 -2.16
C GLY A 177 -2.49 12.64 -2.72
N ASN A 178 -1.82 11.93 -1.80
CA ASN A 178 -0.69 11.08 -2.13
C ASN A 178 -1.06 9.66 -2.59
N SER A 179 -2.25 9.17 -2.23
CA SER A 179 -2.75 7.87 -2.74
C SER A 179 -4.26 7.76 -2.57
N TRP A 180 -4.88 6.93 -3.39
CA TRP A 180 -6.34 6.78 -3.35
C TRP A 180 -6.77 5.32 -3.47
N ARG A 181 -7.52 4.85 -2.49
CA ARG A 181 -8.18 3.57 -2.62
C ARG A 181 -9.08 3.50 -3.89
N THR A 182 -8.73 2.57 -4.77
CA THR A 182 -9.48 2.31 -5.99
C THR A 182 -10.61 1.29 -5.84
N THR A 183 -10.57 0.46 -4.80
CA THR A 183 -11.55 -0.60 -4.55
C THR A 183 -12.08 -0.57 -3.13
N GLY A 184 -13.14 -1.33 -2.90
CA GLY A 184 -13.62 -1.64 -1.56
C GLY A 184 -12.67 -2.61 -0.87
N ASP A 185 -12.80 -2.72 0.45
CA ASP A 185 -11.82 -3.40 1.32
C ASP A 185 -11.36 -4.76 0.84
N ILE A 186 -10.04 -4.96 0.88
CA ILE A 186 -9.45 -6.30 0.77
C ILE A 186 -9.74 -7.17 2.01
N SER A 187 -10.00 -8.45 1.78
CA SER A 187 -10.02 -9.49 2.83
C SER A 187 -8.95 -10.54 2.48
N ASP A 188 -8.53 -11.30 3.50
CA ASP A 188 -7.39 -12.20 3.43
C ASP A 188 -7.77 -13.53 2.74
N ASN A 189 -8.04 -13.45 1.43
CA ASN A 189 -8.31 -14.63 0.62
C ASN A 189 -8.05 -14.31 -0.85
N TRP A 190 -7.80 -15.36 -1.63
CA TRP A 190 -7.42 -15.27 -3.04
C TRP A 190 -8.37 -14.47 -3.93
N ASP A 191 -9.65 -14.82 -3.93
CA ASP A 191 -10.61 -14.16 -4.80
C ASP A 191 -10.65 -12.66 -4.51
N SER A 192 -10.62 -12.29 -3.24
CA SER A 192 -10.52 -10.88 -2.87
C SER A 192 -9.24 -10.27 -3.46
N MET A 193 -8.10 -10.76 -3.02
CA MET A 193 -6.84 -10.18 -3.41
C MET A 193 -6.79 -9.98 -4.93
N THR A 194 -7.03 -11.03 -5.69
CA THR A 194 -7.00 -10.97 -7.16
C THR A 194 -7.99 -9.93 -7.78
N SER A 195 -9.21 -9.89 -7.27
CA SER A 195 -10.17 -8.91 -7.74
C SER A 195 -9.70 -7.49 -7.43
N ARG A 196 -9.03 -7.30 -6.30
CA ARG A 196 -8.47 -5.99 -6.00
C ARG A 196 -7.46 -5.59 -7.08
N ALA A 197 -6.59 -6.54 -7.42
CA ALA A 197 -5.55 -6.34 -8.42
C ALA A 197 -6.14 -6.03 -9.80
N ASP A 198 -7.23 -6.74 -10.14
CA ASP A 198 -7.88 -6.58 -11.44
C ASP A 198 -8.53 -5.23 -11.53
N MET A 199 -9.37 -4.92 -10.54
CA MET A 199 -10.03 -3.62 -10.44
C MET A 199 -9.02 -2.47 -10.59
N ASN A 200 -7.90 -2.57 -9.89
CA ASN A 200 -6.88 -1.52 -9.87
C ASN A 200 -6.17 -1.34 -11.23
N ASP A 201 -6.06 -2.42 -12.00
CA ASP A 201 -5.31 -2.41 -13.28
C ASP A 201 -5.71 -1.31 -14.29
N GLU A 202 -7.02 -1.10 -14.47
CA GLU A 202 -7.52 -0.06 -15.40
C GLU A 202 -7.07 1.37 -15.11
N TRP A 203 -6.68 1.65 -13.87
CA TRP A 203 -6.20 2.99 -13.50
C TRP A 203 -4.67 3.13 -13.57
N ALA A 204 -3.98 2.16 -14.17
CA ALA A 204 -2.49 2.17 -14.28
C ALA A 204 -1.86 3.44 -14.78
N SER A 205 -2.34 3.97 -15.90
CA SER A 205 -1.73 5.17 -16.51
C SER A 205 -1.91 6.50 -15.75
N TYR A 206 -2.72 6.54 -14.67
CA TYR A 206 -2.93 7.74 -13.82
C TYR A 206 -1.98 7.90 -12.62
N ALA A 207 -1.13 6.91 -12.37
CA ALA A 207 -0.31 6.85 -11.17
C ALA A 207 1.10 7.25 -11.53
N GLY A 208 1.67 8.17 -10.75
CA GLY A 208 3.08 8.47 -10.82
C GLY A 208 3.63 8.88 -9.45
N PRO A 209 4.90 9.32 -9.40
CA PRO A 209 5.41 9.94 -8.19
C PRO A 209 4.50 11.05 -7.75
N GLY A 210 4.17 11.06 -6.47
CA GLY A 210 3.28 12.04 -5.89
C GLY A 210 1.91 11.51 -5.62
N GLY A 211 1.47 10.53 -6.43
CA GLY A 211 0.08 10.04 -6.37
C GLY A 211 -0.13 8.62 -6.85
N TRP A 212 -0.30 7.67 -5.92
CA TRP A 212 -0.46 6.22 -6.19
C TRP A 212 -1.90 5.67 -6.11
N ASN A 213 -2.22 4.76 -7.03
CA ASN A 213 -3.43 3.94 -6.93
C ASN A 213 -3.25 2.98 -5.74
N ASP A 214 -4.30 2.76 -4.97
CA ASP A 214 -4.19 1.96 -3.77
C ASP A 214 -5.17 0.79 -3.80
N PRO A 215 -4.70 -0.43 -4.14
CA PRO A 215 -5.47 -1.70 -4.01
C PRO A 215 -5.57 -2.32 -2.58
N ASP A 216 -5.22 -1.52 -1.58
CA ASP A 216 -5.49 -1.77 -0.15
C ASP A 216 -4.32 -2.49 0.49
N MET A 217 -4.45 -2.69 1.79
CA MET A 217 -3.36 -3.15 2.64
C MET A 217 -3.05 -4.60 2.39
N LEU A 218 -1.76 -4.90 2.31
CA LEU A 218 -1.27 -6.27 2.20
C LEU A 218 -1.91 -7.20 3.24
N GLU A 219 -2.25 -8.41 2.81
CA GLU A 219 -2.79 -9.46 3.70
C GLU A 219 -1.79 -10.57 3.93
N VAL A 220 -0.54 -10.32 3.53
CA VAL A 220 0.54 -11.29 3.67
C VAL A 220 0.75 -11.55 5.14
N GLY A 221 0.79 -12.84 5.48
CA GLY A 221 0.94 -13.28 6.85
C GLY A 221 -0.30 -13.57 7.67
N ASN A 222 -1.50 -13.31 7.16
CA ASN A 222 -2.73 -13.44 7.99
C ASN A 222 -3.33 -14.86 8.02
N GLY A 223 -2.85 -15.76 7.18
CA GLY A 223 -3.20 -17.18 7.28
C GLY A 223 -4.41 -17.65 6.48
N GLY A 224 -5.06 -16.74 5.75
CA GLY A 224 -6.15 -17.10 4.82
C GLY A 224 -5.73 -17.26 3.35
N MET A 225 -4.42 -17.18 3.10
CA MET A 225 -3.85 -17.42 1.79
C MET A 225 -2.54 -18.21 1.91
N THR A 226 -2.21 -18.92 0.83
CA THR A 226 -1.09 -19.81 0.78
C THR A 226 0.15 -18.99 0.60
N THR A 227 1.29 -19.59 0.84
CA THR A 227 2.58 -18.99 0.54
C THR A 227 2.70 -18.51 -0.94
N ALA A 228 2.38 -19.41 -1.86
CA ALA A 228 2.32 -19.12 -3.29
C ALA A 228 1.41 -17.95 -3.64
N GLU A 229 0.26 -17.90 -2.97
CA GLU A 229 -0.71 -16.83 -3.16
C GLU A 229 -0.14 -15.52 -2.66
N TYR A 230 0.47 -15.56 -1.49
CA TYR A 230 1.09 -14.39 -0.90
C TYR A 230 2.28 -13.91 -1.70
N ARG A 231 3.06 -14.84 -2.24
CA ARG A 231 4.18 -14.47 -3.11
C ARG A 231 3.68 -13.64 -4.28
N SER A 232 2.69 -14.17 -4.99
CA SER A 232 2.03 -13.42 -6.06
C SER A 232 1.51 -12.07 -5.57
N HIS A 233 0.83 -12.10 -4.44
CA HIS A 233 0.10 -10.95 -3.94
C HIS A 233 1.06 -9.79 -3.77
N PHE A 234 2.11 -10.02 -2.98
CA PHE A 234 3.20 -9.05 -2.77
C PHE A 234 3.85 -8.66 -4.10
N SER A 235 4.22 -9.68 -4.88
CA SER A 235 4.74 -9.49 -6.22
C SER A 235 3.93 -8.54 -7.13
N ILE A 236 2.65 -8.82 -7.27
CA ILE A 236 1.79 -7.98 -8.10
C ILE A 236 1.66 -6.56 -7.54
N TRP A 237 1.43 -6.42 -6.23
CA TRP A 237 1.36 -5.11 -5.60
C TRP A 237 2.64 -4.31 -5.81
N ALA A 238 3.77 -4.99 -5.65
CA ALA A 238 5.06 -4.38 -5.92
C ALA A 238 5.08 -3.81 -7.35
N LEU A 239 4.74 -4.66 -8.31
CA LEU A 239 4.79 -4.28 -9.73
C LEU A 239 3.81 -3.17 -10.04
N ALA A 240 2.64 -3.23 -9.41
CA ALA A 240 1.62 -2.23 -9.63
C ALA A 240 1.84 -0.97 -8.83
N LYS A 241 3.03 -0.77 -8.24
CA LYS A 241 3.36 0.42 -7.44
C LYS A 241 2.25 0.75 -6.45
N ALA A 242 1.77 -0.28 -5.78
CA ALA A 242 0.81 -0.08 -4.74
C ALA A 242 1.59 0.36 -3.51
N PRO A 243 0.93 1.07 -2.61
CA PRO A 243 1.46 1.12 -1.29
C PRO A 243 1.75 -0.32 -0.84
N LEU A 244 2.88 -0.48 -0.18
CA LEU A 244 3.22 -1.70 0.49
C LEU A 244 3.02 -1.50 2.01
N ILE A 245 1.79 -1.67 2.45
CA ILE A 245 1.46 -1.54 3.86
C ILE A 245 1.19 -2.91 4.44
N ILE A 246 2.10 -3.37 5.28
CA ILE A 246 1.98 -4.68 5.87
C ILE A 246 0.76 -4.71 6.80
N GLY A 247 0.01 -5.80 6.73
CA GLY A 247 -1.23 -5.91 7.47
C GLY A 247 -1.38 -7.14 8.32
N CYS A 248 -0.28 -7.76 8.68
CA CYS A 248 -0.31 -8.84 9.67
C CYS A 248 0.28 -8.28 10.97
N ASP A 249 0.58 -9.17 11.93
CA ASP A 249 1.19 -8.78 13.19
C ASP A 249 2.69 -8.96 13.12
N LEU A 250 3.38 -7.81 13.04
CA LEU A 250 4.85 -7.75 13.04
C LEU A 250 5.45 -8.43 14.27
N ARG A 251 4.80 -8.31 15.42
CA ARG A 251 5.35 -8.84 16.66
C ARG A 251 5.32 -10.36 16.69
N SER A 252 4.51 -10.96 15.83
CA SER A 252 4.41 -12.42 15.75
C SER A 252 4.38 -12.92 14.30
N MET A 253 5.10 -12.24 13.40
CA MET A 253 5.13 -12.67 12.00
C MET A 253 5.62 -14.11 11.81
N ASP A 254 4.87 -14.85 10.99
CA ASP A 254 5.32 -16.12 10.43
C ASP A 254 6.57 -15.92 9.62
N GLN A 255 7.47 -16.89 9.69
CA GLN A 255 8.78 -16.76 9.04
C GLN A 255 8.67 -16.65 7.53
N THR A 256 7.76 -17.39 6.92
CA THR A 256 7.53 -17.29 5.47
C THR A 256 6.97 -15.92 5.10
N ALA A 257 5.98 -15.45 5.86
CA ALA A 257 5.44 -14.10 5.71
C ALA A 257 6.55 -13.04 5.71
N HIS A 258 7.40 -13.11 6.73
CA HIS A 258 8.53 -12.18 6.87
C HIS A 258 9.49 -12.23 5.68
N GLU A 259 9.89 -13.45 5.31
CA GLU A 259 10.72 -13.71 4.13
C GLU A 259 10.13 -13.10 2.85
N ILE A 260 8.85 -13.30 2.61
CA ILE A 260 8.17 -12.73 1.45
C ILE A 260 8.27 -11.20 1.42
N LEU A 261 7.99 -10.57 2.55
CA LEU A 261 8.01 -9.13 2.65
C LEU A 261 9.41 -8.51 2.58
N SER A 262 10.43 -9.30 2.94
CA SER A 262 11.86 -8.88 2.94
C SER A 262 12.57 -8.93 1.59
N ASN A 263 11.96 -9.44 0.54
CA ASN A 263 12.64 -9.53 -0.76
C ASN A 263 12.85 -8.09 -1.28
N LYS A 264 14.10 -7.65 -1.19
CA LYS A 264 14.40 -6.26 -1.49
C LYS A 264 14.55 -6.00 -3.01
N GLU A 265 14.75 -7.08 -3.77
CA GLU A 265 14.81 -6.95 -5.24
C GLU A 265 13.46 -6.65 -5.84
N VAL A 266 12.41 -7.12 -5.16
CA VAL A 266 11.00 -6.85 -5.49
C VAL A 266 10.57 -5.48 -5.00
N ILE A 267 10.95 -5.16 -3.77
CA ILE A 267 10.77 -3.82 -3.24
C ILE A 267 11.34 -2.74 -4.19
N ALA A 268 12.47 -3.02 -4.84
CA ALA A 268 13.15 -2.02 -5.66
C ALA A 268 12.39 -1.75 -6.96
N VAL A 269 11.57 -2.73 -7.36
CA VAL A 269 10.65 -2.58 -8.48
C VAL A 269 9.57 -1.59 -8.11
N ASN A 270 8.98 -1.76 -6.94
CA ASN A 270 7.93 -0.89 -6.43
C ASN A 270 8.46 0.51 -6.21
N GLN A 271 9.68 0.57 -5.72
CA GLN A 271 10.31 1.81 -5.34
C GLN A 271 11.13 2.39 -6.48
N ASP A 272 10.88 1.93 -7.69
CA ASP A 272 11.71 2.29 -8.82
C ASP A 272 11.48 3.76 -9.17
N LYS A 273 12.58 4.49 -9.17
CA LYS A 273 12.74 5.87 -9.65
C LYS A 273 11.75 6.30 -10.72
N LEU A 274 11.65 5.52 -11.79
CA LEU A 274 10.75 5.83 -12.92
C LEU A 274 9.28 6.01 -12.50
N GLY A 275 8.82 5.20 -11.53
CA GLY A 275 7.50 5.37 -10.91
C GLY A 275 6.31 5.13 -11.81
N VAL A 276 6.47 4.23 -12.79
CA VAL A 276 5.36 3.75 -13.65
C VAL A 276 4.72 2.46 -13.16
N GLN A 277 3.40 2.49 -13.05
CA GLN A 277 2.61 1.36 -12.53
C GLN A 277 2.52 0.26 -13.58
N GLY A 278 3.09 -0.89 -13.26
CA GLY A 278 2.96 -2.09 -14.08
C GLY A 278 1.54 -2.64 -14.07
N LYS A 279 1.23 -3.43 -15.09
CA LYS A 279 -0.13 -3.78 -15.39
C LYS A 279 -0.26 -5.07 -16.17
N LYS A 280 -1.45 -5.65 -16.13
CA LYS A 280 -1.79 -6.79 -16.96
C LYS A 280 -1.70 -6.38 -18.41
N VAL A 281 -0.95 -7.18 -19.16
CA VAL A 281 -0.73 -7.00 -20.59
C VAL A 281 -1.22 -8.16 -21.46
N LYS A 282 -1.54 -9.28 -20.86
CA LYS A 282 -1.72 -10.49 -21.62
C LYS A 282 -2.45 -11.49 -20.73
N GLN A 283 -3.44 -12.20 -21.27
CA GLN A 283 -4.27 -13.12 -20.50
C GLN A 283 -4.70 -14.38 -21.27
N ASN A 284 -3.86 -15.41 -21.17
CA ASN A 284 -4.13 -16.75 -21.75
C ASN A 284 -5.14 -17.59 -20.90
N GLY A 285 -6.33 -17.09 -20.66
CA GLY A 285 -7.23 -17.72 -19.69
C GLY A 285 -6.88 -17.28 -18.26
N ASP A 286 -6.46 -18.24 -17.44
CA ASP A 286 -6.07 -17.96 -16.05
C ASP A 286 -4.57 -17.75 -15.92
N LEU A 287 -3.88 -17.94 -17.04
CA LEU A 287 -2.44 -17.69 -17.14
C LEU A 287 -2.25 -16.23 -17.59
N GLU A 288 -1.74 -15.37 -16.72
CA GLU A 288 -1.57 -13.95 -17.07
C GLU A 288 -0.11 -13.52 -17.14
N VAL A 289 0.14 -12.46 -17.91
CA VAL A 289 1.43 -11.78 -17.93
C VAL A 289 1.18 -10.34 -17.60
N TRP A 290 1.88 -9.84 -16.58
CA TRP A 290 1.85 -8.43 -16.21
C TRP A 290 3.24 -7.84 -16.41
N ALA A 291 3.33 -6.63 -16.94
CA ALA A 291 4.65 -5.98 -17.23
C ALA A 291 4.60 -4.48 -17.06
N GLY A 292 5.78 -3.88 -17.05
CA GLY A 292 5.92 -2.44 -16.97
C GLY A 292 7.38 -2.01 -17.05
N PRO A 293 7.63 -0.81 -17.61
CA PRO A 293 9.01 -0.31 -17.67
C PRO A 293 9.61 0.17 -16.32
N LEU A 294 10.93 0.00 -16.20
CA LEU A 294 11.71 0.53 -15.08
C LEU A 294 12.80 1.49 -15.60
N SER A 295 13.46 2.16 -14.65
CA SER A 295 14.59 3.06 -14.93
C SER A 295 15.76 2.26 -15.50
N GLY A 296 16.63 2.95 -16.23
CA GLY A 296 17.73 2.29 -16.94
C GLY A 296 17.29 1.36 -18.08
N LYS A 297 16.15 1.66 -18.72
CA LYS A 297 15.70 0.94 -19.92
C LYS A 297 15.47 -0.55 -19.63
N ARG A 298 15.01 -0.84 -18.40
CA ARG A 298 14.70 -2.21 -17.96
C ARG A 298 13.17 -2.52 -17.94
N VAL A 299 12.84 -3.79 -17.78
CA VAL A 299 11.44 -4.19 -17.65
C VAL A 299 11.21 -5.13 -16.46
N ALA A 300 10.26 -4.72 -15.59
CA ALA A 300 9.66 -5.58 -14.56
C ALA A 300 8.50 -6.34 -15.16
N LEU A 301 8.33 -7.57 -14.70
CA LEU A 301 7.47 -8.52 -15.35
C LEU A 301 7.08 -9.64 -14.38
N VAL A 302 5.79 -9.99 -14.34
CA VAL A 302 5.29 -11.16 -13.59
C VAL A 302 4.58 -12.13 -14.53
N LEU A 303 4.94 -13.41 -14.42
CA LEU A 303 4.17 -14.51 -14.98
C LEU A 303 3.34 -15.01 -13.83
N TRP A 304 2.02 -15.03 -13.99
CA TRP A 304 1.12 -15.34 -12.89
C TRP A 304 0.19 -16.48 -13.29
N ASN A 305 0.20 -17.53 -12.49
CA ASN A 305 -0.66 -18.70 -12.73
C ASN A 305 -1.83 -18.74 -11.77
N ARG A 306 -2.95 -18.18 -12.22
CA ARG A 306 -4.20 -18.20 -11.45
C ARG A 306 -5.06 -19.48 -11.70
N SER A 307 -4.54 -20.42 -12.49
CA SER A 307 -5.11 -21.76 -12.62
C SER A 307 -5.08 -22.55 -11.33
N SER A 308 -5.93 -23.57 -11.35
CA SER A 308 -6.08 -24.54 -10.29
C SER A 308 -5.06 -25.67 -10.36
N SER A 309 -4.19 -25.60 -11.32
CA SER A 309 -3.25 -26.68 -11.54
C SER A 309 -1.98 -26.09 -12.17
N LYS A 310 -0.94 -26.90 -12.32
CA LYS A 310 0.38 -26.45 -12.81
C LYS A 310 0.43 -26.13 -14.30
N ALA A 311 1.13 -25.07 -14.71
CA ALA A 311 0.99 -24.54 -16.06
C ALA A 311 2.23 -23.84 -16.55
N ASP A 312 2.41 -23.91 -17.87
CA ASP A 312 3.47 -23.18 -18.53
C ASP A 312 2.89 -21.84 -18.88
N ILE A 313 3.68 -20.79 -18.62
CA ILE A 313 3.37 -19.43 -19.07
C ILE A 313 4.56 -18.82 -19.84
N THR A 314 4.26 -18.12 -20.94
CA THR A 314 5.28 -17.55 -21.83
C THR A 314 5.03 -16.05 -21.97
N ALA A 315 6.03 -15.26 -21.59
CA ALA A 315 5.95 -13.82 -21.83
C ALA A 315 6.70 -13.56 -23.10
N TYR A 316 5.97 -13.28 -24.18
CA TYR A 316 6.61 -12.85 -25.42
C TYR A 316 7.03 -11.40 -25.23
N TRP A 317 7.99 -10.97 -26.03
CA TRP A 317 8.58 -9.64 -25.87
C TRP A 317 7.81 -8.51 -26.50
N SER A 318 7.02 -8.82 -27.54
CA SER A 318 6.00 -7.91 -28.05
C SER A 318 4.93 -7.58 -27.02
N ASP A 319 4.66 -8.49 -26.11
CA ASP A 319 3.66 -8.25 -25.05
C ASP A 319 4.14 -7.19 -24.04
N ILE A 320 5.45 -7.11 -23.80
CA ILE A 320 6.01 -6.40 -22.64
C ILE A 320 6.93 -5.21 -22.99
N GLY A 321 6.88 -4.77 -24.26
CA GLY A 321 7.55 -3.54 -24.71
C GLY A 321 9.04 -3.62 -24.99
N LEU A 322 9.43 -4.58 -25.82
CA LEU A 322 10.83 -4.75 -26.27
C LEU A 322 10.80 -5.19 -27.70
N ASP A 323 11.83 -4.84 -28.48
CA ASP A 323 12.08 -5.53 -29.76
C ASP A 323 12.35 -6.98 -29.44
N SER A 324 11.84 -7.85 -30.29
CA SER A 324 12.10 -9.28 -30.13
C SER A 324 13.58 -9.59 -30.30
N SER A 325 14.26 -8.80 -31.14
CA SER A 325 15.68 -9.00 -31.39
C SER A 325 16.56 -8.51 -30.21
N THR A 326 16.01 -7.75 -29.26
CA THR A 326 16.74 -7.35 -28.03
C THR A 326 17.16 -8.57 -27.20
N VAL A 327 18.32 -8.49 -26.57
CA VAL A 327 18.80 -9.57 -25.70
C VAL A 327 18.90 -9.00 -24.29
N VAL A 328 18.56 -9.82 -23.30
CA VAL A 328 18.64 -9.36 -21.92
C VAL A 328 19.30 -10.41 -21.05
N ASP A 329 19.73 -9.96 -19.89
CA ASP A 329 19.93 -10.83 -18.74
C ASP A 329 18.62 -10.73 -17.97
N ALA A 330 18.16 -11.86 -17.48
CA ALA A 330 16.84 -12.01 -16.87
C ALA A 330 17.03 -12.43 -15.44
N ARG A 331 16.75 -11.49 -14.53
CA ARG A 331 16.89 -11.71 -13.13
C ARG A 331 15.57 -12.25 -12.60
N ASP A 332 15.61 -13.46 -12.04
CA ASP A 332 14.48 -14.07 -11.32
C ASP A 332 14.53 -13.59 -9.86
N LEU A 333 13.58 -12.73 -9.48
CA LEU A 333 13.65 -12.01 -8.21
C LEU A 333 13.43 -12.85 -6.97
N TRP A 334 12.78 -14.00 -7.09
CA TRP A 334 12.49 -14.86 -5.95
C TRP A 334 13.55 -15.93 -5.76
N ALA A 335 13.96 -16.53 -6.88
CA ALA A 335 15.10 -17.44 -6.91
C ALA A 335 16.42 -16.73 -6.71
N HIS A 336 16.47 -15.42 -6.96
CA HIS A 336 17.70 -14.60 -6.79
C HIS A 336 18.84 -15.14 -7.65
N SER A 337 18.53 -15.38 -8.93
CA SER A 337 19.50 -15.87 -9.92
C SER A 337 19.24 -15.23 -11.28
N THR A 338 20.31 -15.08 -12.03
CA THR A 338 20.29 -14.42 -13.29
C THR A 338 20.49 -15.48 -14.36
N LYS A 339 19.95 -15.17 -15.51
CA LYS A 339 19.99 -16.04 -16.63
C LYS A 339 20.44 -15.15 -17.78
N GLY A 340 21.43 -15.59 -18.54
CA GLY A 340 22.08 -14.67 -19.49
C GLY A 340 21.52 -14.86 -20.87
N SER A 341 21.54 -13.79 -21.66
CA SER A 341 21.27 -13.86 -23.10
C SER A 341 19.90 -14.40 -23.56
N VAL A 342 18.83 -14.02 -22.84
CA VAL A 342 17.47 -14.44 -23.19
C VAL A 342 16.98 -13.48 -24.28
N LYS A 343 16.26 -14.01 -25.27
CA LYS A 343 16.03 -13.25 -26.53
C LYS A 343 14.58 -12.88 -26.85
N GLY A 344 13.70 -13.81 -27.16
CA GLY A 344 12.38 -13.36 -27.67
C GLY A 344 11.21 -13.56 -26.75
N GLN A 345 11.46 -14.27 -25.66
CA GLN A 345 10.41 -14.78 -24.81
C GLN A 345 11.11 -15.39 -23.63
N ILE A 346 10.40 -15.46 -22.50
CA ILE A 346 10.85 -16.30 -21.41
C ILE A 346 9.66 -17.17 -21.00
N SER A 347 9.98 -18.35 -20.50
CA SER A 347 8.98 -19.30 -20.07
C SER A 347 9.30 -19.92 -18.72
N ALA A 348 8.28 -20.49 -18.10
CA ALA A 348 8.44 -21.23 -16.87
C ALA A 348 7.23 -22.13 -16.66
N SER A 349 7.48 -23.29 -16.07
CA SER A 349 6.46 -24.15 -15.53
C SER A 349 6.25 -23.65 -14.08
N ILE A 350 5.01 -23.22 -13.77
CA ILE A 350 4.66 -22.51 -12.52
C ILE A 350 3.51 -23.19 -11.79
N ASP A 351 3.60 -23.27 -10.46
CA ASP A 351 2.57 -23.91 -9.61
C ASP A 351 1.30 -23.07 -9.52
N SER A 352 0.23 -23.72 -9.06
CA SER A 352 -1.09 -23.09 -8.97
C SER A 352 -1.04 -21.93 -8.03
N HIS A 353 -1.56 -20.79 -8.47
CA HIS A 353 -1.58 -19.53 -7.70
C HIS A 353 -0.21 -18.88 -7.45
N ASP A 354 0.86 -19.49 -7.97
CA ASP A 354 2.23 -19.00 -7.80
C ASP A 354 2.59 -18.14 -8.99
N CYS A 355 3.75 -17.51 -8.90
CA CYS A 355 4.20 -16.65 -9.97
C CYS A 355 5.70 -16.68 -10.12
N ARG A 356 6.15 -16.16 -11.25
CA ARG A 356 7.54 -15.79 -11.42
C ARG A 356 7.57 -14.30 -11.61
N MET A 357 8.55 -13.64 -11.02
CA MET A 357 8.78 -12.22 -11.28
C MET A 357 10.20 -12.04 -11.77
N TYR A 358 10.36 -11.27 -12.83
CA TYR A 358 11.68 -10.99 -13.34
C TYR A 358 11.95 -9.50 -13.44
N VAL A 359 13.23 -9.14 -13.54
CA VAL A 359 13.67 -7.83 -14.03
C VAL A 359 14.57 -8.12 -15.23
N LEU A 360 14.20 -7.52 -16.37
CA LEU A 360 14.92 -7.69 -17.63
C LEU A 360 15.84 -6.51 -17.87
N THR A 361 17.14 -6.81 -17.98
CA THR A 361 18.19 -5.81 -18.22
C THR A 361 18.79 -6.04 -19.60
N PRO A 362 18.63 -5.09 -20.52
CA PRO A 362 19.27 -5.24 -21.84
C PRO A 362 20.81 -5.33 -21.78
N LYS A 363 21.42 -6.02 -22.75
CA LYS A 363 22.84 -5.87 -23.07
C LYS A 363 23.07 -4.68 -24.01
#